data_3WN0
#
_entry.id   3WN0
#
_cell.length_a   98.152
_cell.length_b   98.152
_cell.length_c   103.676
_cell.angle_alpha   90.00
_cell.angle_beta   90.00
_cell.angle_gamma   90.00
#
_symmetry.space_group_name_H-M   'P 41 21 2'
#
loop_
_entity.id
_entity.type
_entity.pdbx_description
1 polymer 'Extracellular exo-alpha-L-arabinofuranosidase'
2 non-polymer 'CALCIUM ION'
3 non-polymer 'CHLORIDE ION'
4 non-polymer beta-L-arabinofuranose
5 non-polymer 'CITRIC ACID'
6 water water
#
_entity_poly.entity_id   1
_entity_poly.type   'polypeptide(L)'
_entity_poly.pdbx_seq_one_letter_code
;AGSGALRGAGSNRCLDVLGGSQDDGALLQLYDCWGGTNQQWTSTDTGRLTVYGDKCLDVPGHATAPGTRVQIWSCSGGAN
QQWRVNSDGTVVGVESGLCLEAAGAGTANGTAVQLWTCNGGGNQKWTGLTGTPPTDGTCALPSTYRWSSTGVLAQPKSGW
VALKDFTTVTHNGRHLVYGSTSSGSSYGSMVFSPFTNWSDMASAGQNAMNQAAVAPTLFYFAPKNIWVLAYQWGSWPFIY
RTSSDPTDPNGWSAPQPLFTGSISGSDTGPIDQTLIADGQNMYLFFAGDNGKIYRASMPIGNFPGNFGSSYTTIMSDTKA
NLFEGVQVYKVQGQNQYLMIVEAMGANGRYFRSFTASSLSGSWTPQAASEGNPFAGKANSGATWTNDISHGDLVRDNPDQ
TMTVDPCNLQFLYQGKSPNAGGDYNSLPWRPGVLTLRR
;
_entity_poly.pdbx_strand_id   A
#
# COMPACT_ATOMS: atom_id res chain seq x y z
N GLY A 137 12.77 1.79 -25.16
CA GLY A 137 12.77 2.75 -24.02
C GLY A 137 12.23 2.13 -22.73
N THR A 138 12.28 0.80 -22.65
CA THR A 138 11.83 0.09 -21.45
C THR A 138 13.01 -0.18 -20.51
N CYS A 139 12.71 -0.20 -19.21
CA CYS A 139 13.71 -0.49 -18.18
C CYS A 139 13.31 -1.77 -17.47
N ALA A 140 14.28 -2.40 -16.82
CA ALA A 140 14.00 -3.56 -15.96
C ALA A 140 14.17 -3.18 -14.50
N LEU A 141 13.54 -3.93 -13.61
CA LEU A 141 13.82 -3.80 -12.17
C LEU A 141 15.25 -4.22 -11.92
N PRO A 142 15.95 -3.54 -10.99
CA PRO A 142 17.29 -3.97 -10.65
C PRO A 142 17.26 -5.17 -9.69
N SER A 143 18.37 -5.90 -9.61
CA SER A 143 18.49 -6.99 -8.64
C SER A 143 18.91 -6.41 -7.28
N THR A 144 19.60 -5.28 -7.32
CA THR A 144 19.97 -4.55 -6.11
C THR A 144 19.41 -3.14 -6.18
N TYR A 145 18.68 -2.74 -5.14
CA TYR A 145 18.05 -1.43 -5.09
C TYR A 145 18.88 -0.40 -4.31
N ARG A 146 18.99 0.81 -4.85
CA ARG A 146 19.57 1.95 -4.15
C ARG A 146 18.62 3.12 -4.33
N TRP A 147 18.27 3.78 -3.21
CA TRP A 147 17.34 4.91 -3.25
C TRP A 147 17.98 6.17 -2.69
N SER A 148 17.40 7.32 -3.07
CA SER A 148 17.57 8.54 -2.30
C SER A 148 16.22 8.81 -1.67
N SER A 149 16.21 9.55 -0.55
CA SER A 149 14.97 9.81 0.18
C SER A 149 14.75 11.30 0.44
N THR A 150 13.48 11.70 0.47
CA THR A 150 13.11 13.00 1.02
C THR A 150 13.23 12.95 2.54
N GLY A 151 13.16 14.11 3.18
CA GLY A 151 12.94 14.18 4.62
C GLY A 151 11.47 13.91 4.90
N VAL A 152 11.02 14.21 6.12
CA VAL A 152 9.60 14.09 6.45
C VAL A 152 8.83 15.06 5.56
N LEU A 153 7.78 14.58 4.92
CA LEU A 153 7.07 15.38 3.94
C LEU A 153 5.87 16.16 4.49
N ALA A 154 5.38 15.77 5.67
CA ALA A 154 4.23 16.44 6.29
C ALA A 154 4.09 16.06 7.75
N GLN A 155 3.54 16.97 8.54
CA GLN A 155 3.16 16.70 9.92
C GLN A 155 1.66 16.50 10.02
N PRO A 156 1.22 15.53 10.85
CA PRO A 156 -0.22 15.33 11.01
C PRO A 156 -0.88 16.57 11.57
N LYS A 157 -2.06 16.89 11.06
CA LYS A 157 -2.77 18.04 11.62
C LYS A 157 -3.23 17.77 13.05
N SER A 158 -3.51 18.86 13.76
CA SER A 158 -3.88 18.80 15.18
C SER A 158 -4.91 17.71 15.46
N GLY A 159 -4.62 16.85 16.43
CA GLY A 159 -5.51 15.75 16.80
C GLY A 159 -5.02 14.39 16.37
N TRP A 160 -4.13 14.35 15.39
CA TRP A 160 -3.51 13.09 14.98
C TRP A 160 -2.06 13.04 15.40
N VAL A 161 -1.60 11.84 15.77
CA VAL A 161 -0.19 11.62 16.11
C VAL A 161 0.56 10.97 14.94
N ALA A 162 -0.19 10.50 13.94
CA ALA A 162 0.40 9.72 12.85
C ALA A 162 -0.40 9.79 11.56
N LEU A 163 0.33 9.76 10.45
CA LEU A 163 -0.22 9.53 9.11
C LEU A 163 0.44 8.25 8.62
N LYS A 164 -0.36 7.35 8.04
CA LYS A 164 0.07 5.97 7.83
C LYS A 164 -0.49 5.31 6.56
N ASP A 165 0.13 4.18 6.18
CA ASP A 165 -0.48 3.20 5.26
C ASP A 165 -0.93 3.81 3.95
N PHE A 166 -0.06 4.62 3.35
CA PHE A 166 -0.44 5.44 2.20
C PHE A 166 -0.79 4.64 0.96
N THR A 167 -1.73 5.20 0.20
CA THR A 167 -2.05 4.75 -1.14
C THR A 167 -2.10 6.00 -2.02
N THR A 168 -1.51 5.95 -3.21
CA THR A 168 -1.42 7.15 -4.04
C THR A 168 -1.54 6.90 -5.53
N VAL A 169 -2.29 7.79 -6.20
CA VAL A 169 -2.29 7.85 -7.66
C VAL A 169 -1.99 9.28 -8.10
N THR A 170 -1.61 9.42 -9.37
CA THR A 170 -1.60 10.74 -9.99
C THR A 170 -2.96 10.94 -10.65
N HIS A 171 -3.63 12.02 -10.26
CA HIS A 171 -4.97 12.34 -10.73
C HIS A 171 -4.96 13.78 -11.24
N ASN A 172 -5.21 13.94 -12.55
CA ASN A 172 -5.15 15.24 -13.23
C ASN A 172 -3.86 16.01 -12.93
N GLY A 173 -2.73 15.31 -13.03
CA GLY A 173 -1.41 15.90 -12.89
C GLY A 173 -0.96 16.17 -11.46
N ARG A 174 -1.77 15.79 -10.48
CA ARG A 174 -1.46 16.03 -9.07
C ARG A 174 -1.45 14.73 -8.28
N HIS A 175 -0.60 14.69 -7.25
CA HIS A 175 -0.58 13.57 -6.31
C HIS A 175 -1.85 13.53 -5.48
N LEU A 176 -2.52 12.39 -5.54
CA LEU A 176 -3.70 12.14 -4.73
C LEU A 176 -3.36 11.03 -3.73
N VAL A 177 -3.39 11.37 -2.44
CA VAL A 177 -2.91 10.48 -1.39
C VAL A 177 -3.97 10.26 -0.32
N TYR A 178 -4.33 9.00 -0.08
CA TYR A 178 -5.14 8.62 1.08
C TYR A 178 -4.24 7.91 2.07
N GLY A 179 -4.62 7.95 3.34
CA GLY A 179 -3.86 7.26 4.36
C GLY A 179 -4.67 7.04 5.61
N SER A 180 -4.19 6.15 6.47
CA SER A 180 -4.75 5.99 7.80
C SER A 180 -4.30 7.15 8.67
N THR A 181 -5.07 7.41 9.73
CA THR A 181 -4.68 8.37 10.76
C THR A 181 -4.72 7.65 12.10
N SER A 182 -3.97 8.18 13.06
CA SER A 182 -4.11 7.69 14.44
C SER A 182 -4.06 8.86 15.41
N SER A 183 -4.97 8.86 16.38
CA SER A 183 -4.89 9.77 17.53
C SER A 183 -4.08 9.14 18.66
N GLY A 184 -3.78 7.85 18.52
CA GLY A 184 -3.16 7.04 19.57
C GLY A 184 -4.20 6.15 20.24
N SER A 185 -5.45 6.58 20.19
CA SER A 185 -6.58 5.88 20.82
C SER A 185 -7.59 5.32 19.81
N SER A 186 -7.46 5.72 18.55
CA SER A 186 -8.31 5.20 17.47
C SER A 186 -7.71 5.50 16.09
N TYR A 187 -7.96 4.59 15.14
CA TYR A 187 -7.51 4.75 13.77
C TYR A 187 -8.63 5.29 12.89
N GLY A 188 -8.28 6.25 12.03
CA GLY A 188 -9.21 6.76 11.03
C GLY A 188 -8.53 6.81 9.68
N SER A 189 -9.07 7.62 8.79
CA SER A 189 -8.47 7.82 7.47
C SER A 189 -8.69 9.25 6.99
N MET A 190 -7.96 9.61 5.93
CA MET A 190 -7.95 10.97 5.41
C MET A 190 -7.46 10.98 3.97
N VAL A 191 -7.67 12.11 3.29
CA VAL A 191 -7.06 12.36 2.01
C VAL A 191 -6.37 13.73 2.08
N PHE A 192 -5.21 13.84 1.44
CA PHE A 192 -4.55 15.13 1.28
C PHE A 192 -5.19 15.86 0.10
N SER A 193 -5.36 17.18 0.22
CA SER A 193 -5.75 17.99 -0.94
C SER A 193 -4.70 17.77 -2.03
N PRO A 194 -5.14 17.62 -3.29
CA PRO A 194 -4.17 17.32 -4.36
C PRO A 194 -3.05 18.34 -4.44
N PHE A 195 -1.84 17.88 -4.72
CA PHE A 195 -0.66 18.74 -4.79
C PHE A 195 0.24 18.25 -5.90
N THR A 196 0.89 19.18 -6.61
CA THR A 196 1.73 18.82 -7.76
C THR A 196 3.08 18.21 -7.38
N ASN A 197 3.76 18.82 -6.41
CA ASN A 197 5.11 18.40 -6.00
C ASN A 197 5.11 17.82 -4.60
N TRP A 198 5.88 16.74 -4.40
CA TRP A 198 6.06 16.19 -3.06
C TRP A 198 6.54 17.23 -2.06
N SER A 199 7.36 18.17 -2.52
CA SER A 199 7.88 19.25 -1.67
C SER A 199 6.77 20.18 -1.14
N ASP A 200 5.58 20.08 -1.73
CA ASP A 200 4.42 20.86 -1.29
C ASP A 200 3.41 20.05 -0.49
N MET A 201 3.70 18.77 -0.24
CA MET A 201 2.82 17.96 0.59
C MET A 201 2.65 18.57 1.98
N ALA A 202 3.71 19.23 2.47
CA ALA A 202 3.69 19.83 3.82
C ALA A 202 2.61 20.89 4.00
N SER A 203 2.25 21.59 2.91
CA SER A 203 1.21 22.62 2.97
C SER A 203 -0.17 22.15 2.52
N ALA A 204 -0.27 20.90 2.07
CA ALA A 204 -1.54 20.38 1.55
C ALA A 204 -2.57 20.24 2.66
N GLY A 205 -3.81 20.59 2.35
CA GLY A 205 -4.93 20.37 3.26
C GLY A 205 -5.02 18.90 3.65
N GLN A 206 -5.38 18.64 4.90
CA GLN A 206 -5.53 17.28 5.39
C GLN A 206 -6.99 17.08 5.76
N ASN A 207 -7.67 16.24 5.00
CA ASN A 207 -9.13 16.15 5.05
C ASN A 207 -9.58 14.80 5.58
N ALA A 208 -10.06 14.79 6.82
CA ALA A 208 -10.49 13.56 7.48
C ALA A 208 -11.70 12.97 6.75
N MET A 209 -11.74 11.64 6.66
CA MET A 209 -12.94 10.95 6.22
C MET A 209 -13.90 10.78 7.40
N ASN A 210 -15.18 11.05 7.18
CA ASN A 210 -16.18 10.93 8.26
C ASN A 210 -16.50 9.48 8.63
N GLN A 211 -16.11 8.55 7.78
CA GLN A 211 -16.20 7.12 8.07
C GLN A 211 -14.85 6.48 7.73
N ALA A 212 -14.20 5.90 8.74
CA ALA A 212 -12.82 5.42 8.60
C ALA A 212 -12.65 4.36 7.52
N ALA A 213 -11.57 4.51 6.74
CA ALA A 213 -11.15 3.54 5.75
C ALA A 213 -9.68 3.18 6.01
N VAL A 214 -9.45 2.36 7.03
CA VAL A 214 -8.10 2.06 7.50
C VAL A 214 -7.31 1.21 6.49
N ALA A 215 -6.04 1.57 6.30
CA ALA A 215 -5.15 0.88 5.35
C ALA A 215 -5.79 0.78 3.96
N PRO A 216 -6.09 1.95 3.35
CA PRO A 216 -6.90 1.99 2.14
C PRO A 216 -6.13 1.66 0.85
N THR A 217 -6.86 1.22 -0.16
CA THR A 217 -6.34 1.02 -1.52
C THR A 217 -7.21 1.84 -2.46
N LEU A 218 -6.58 2.76 -3.17
CA LEU A 218 -7.29 3.65 -4.11
C LEU A 218 -6.92 3.33 -5.55
N PHE A 219 -7.94 3.19 -6.39
CA PHE A 219 -7.69 3.08 -7.83
C PHE A 219 -8.91 3.44 -8.67
N TYR A 220 -8.65 3.73 -9.94
CA TYR A 220 -9.70 3.93 -10.92
C TYR A 220 -9.99 2.59 -11.60
N PHE A 221 -11.25 2.17 -11.58
CA PHE A 221 -11.64 0.92 -12.22
C PHE A 221 -12.24 1.23 -13.59
N ALA A 222 -11.39 1.17 -14.61
CA ALA A 222 -11.75 1.61 -15.96
C ALA A 222 -12.95 0.87 -16.59
N PRO A 223 -13.08 -0.46 -16.38
CA PRO A 223 -14.20 -1.13 -17.07
C PRO A 223 -15.59 -0.63 -16.68
N LYS A 224 -15.72 0.01 -15.51
CA LYS A 224 -17.02 0.55 -15.09
CA LYS A 224 -17.02 0.55 -15.08
C LYS A 224 -16.96 2.05 -14.81
N ASN A 225 -15.85 2.69 -15.22
CA ASN A 225 -15.65 4.13 -15.06
C ASN A 225 -16.01 4.60 -13.65
N ILE A 226 -15.33 4.01 -12.67
CA ILE A 226 -15.67 4.26 -11.28
C ILE A 226 -14.41 4.13 -10.44
N TRP A 227 -14.26 5.03 -9.45
CA TRP A 227 -13.16 4.94 -8.50
C TRP A 227 -13.53 4.01 -7.35
N VAL A 228 -12.52 3.32 -6.81
CA VAL A 228 -12.73 2.34 -5.73
C VAL A 228 -11.78 2.65 -4.59
N LEU A 229 -12.31 2.63 -3.37
CA LEU A 229 -11.50 2.72 -2.16
C LEU A 229 -11.78 1.47 -1.32
N ALA A 230 -10.78 0.58 -1.24
CA ALA A 230 -10.91 -0.64 -0.46
C ALA A 230 -10.17 -0.45 0.85
N TYR A 231 -10.62 -1.15 1.90
CA TYR A 231 -10.03 -0.97 3.22
C TYR A 231 -10.42 -2.08 4.19
N GLN A 232 -9.94 -1.96 5.43
CA GLN A 232 -10.24 -2.93 6.48
C GLN A 232 -10.97 -2.25 7.64
N TRP A 233 -11.50 -3.09 8.54
CA TRP A 233 -12.18 -2.68 9.77
C TRP A 233 -13.51 -1.98 9.48
N GLY A 234 -14.58 -2.76 9.62
CA GLY A 234 -15.93 -2.32 9.32
C GLY A 234 -16.85 -3.51 9.46
N SER A 235 -17.90 -3.55 8.65
CA SER A 235 -18.90 -4.60 8.74
C SER A 235 -18.41 -5.95 8.23
N TRP A 236 -17.31 -5.95 7.48
CA TRP A 236 -16.73 -7.16 6.90
C TRP A 236 -15.21 -7.10 7.06
N PRO A 237 -14.51 -8.26 6.98
CA PRO A 237 -13.04 -8.24 7.06
C PRO A 237 -12.38 -7.24 6.10
N PHE A 238 -12.78 -7.23 4.83
CA PHE A 238 -12.42 -6.11 3.94
C PHE A 238 -13.67 -5.51 3.30
N ILE A 239 -13.58 -4.23 3.00
CA ILE A 239 -14.73 -3.43 2.59
C ILE A 239 -14.31 -2.57 1.40
N TYR A 240 -15.27 -2.15 0.59
CA TYR A 240 -14.98 -1.10 -0.39
C TYR A 240 -16.13 -0.11 -0.53
N ARG A 241 -15.79 1.06 -1.05
CA ARG A 241 -16.73 2.09 -1.42
C ARG A 241 -16.34 2.58 -2.82
N THR A 242 -17.28 3.21 -3.52
CA THR A 242 -17.00 3.72 -4.86
C THR A 242 -17.34 5.21 -4.97
N SER A 243 -16.78 5.87 -5.98
CA SER A 243 -16.99 7.29 -6.18
C SER A 243 -16.70 7.72 -7.61
N SER A 244 -17.27 8.86 -8.01
CA SER A 244 -16.92 9.48 -9.27
C SER A 244 -15.94 10.65 -9.07
N ASP A 245 -15.65 10.97 -7.81
CA ASP A 245 -14.68 12.01 -7.50
C ASP A 245 -13.83 11.62 -6.29
N PRO A 246 -12.63 11.07 -6.56
CA PRO A 246 -11.80 10.50 -5.50
C PRO A 246 -11.14 11.56 -4.60
N THR A 247 -11.27 12.83 -4.95
CA THR A 247 -10.68 13.90 -4.14
C THR A 247 -11.52 14.21 -2.90
N ASP A 248 -12.80 13.82 -2.92
CA ASP A 248 -13.71 14.08 -1.82
C ASP A 248 -13.67 12.95 -0.80
N PRO A 249 -13.18 13.23 0.43
CA PRO A 249 -13.11 12.20 1.46
C PRO A 249 -14.47 11.65 1.87
N ASN A 250 -15.54 12.42 1.63
CA ASN A 250 -16.88 12.04 2.05
C ASN A 250 -17.86 11.85 0.89
N GLY A 251 -17.33 11.73 -0.33
CA GLY A 251 -18.17 11.51 -1.50
C GLY A 251 -18.29 10.04 -1.88
N TRP A 252 -17.74 9.17 -1.04
CA TRP A 252 -17.74 7.73 -1.30
C TRP A 252 -19.10 7.09 -1.01
N SER A 253 -19.43 6.05 -1.77
CA SER A 253 -20.71 5.35 -1.65
C SER A 253 -20.84 4.57 -0.34
N ALA A 254 -22.01 3.96 -0.11
CA ALA A 254 -22.21 3.07 1.04
C ALA A 254 -21.23 1.89 0.99
N PRO A 255 -20.69 1.48 2.15
CA PRO A 255 -19.74 0.35 2.21
C PRO A 255 -20.34 -0.95 1.68
N GLN A 256 -19.51 -1.73 0.98
CA GLN A 256 -19.89 -3.03 0.42
C GLN A 256 -18.85 -4.06 0.85
N PRO A 257 -19.25 -5.34 0.98
CA PRO A 257 -18.28 -6.37 1.34
C PRO A 257 -17.29 -6.66 0.21
N LEU A 258 -16.01 -6.72 0.55
CA LEU A 258 -14.96 -7.09 -0.39
C LEU A 258 -14.49 -8.52 -0.14
N PHE A 259 -14.45 -8.90 1.13
CA PHE A 259 -13.94 -10.20 1.56
C PHE A 259 -14.55 -10.56 2.90
N THR A 260 -14.96 -11.81 3.05
CA THR A 260 -15.66 -12.22 4.27
C THR A 260 -15.02 -13.44 4.93
N GLY A 261 -13.81 -13.81 4.47
CA GLY A 261 -13.15 -15.02 4.96
C GLY A 261 -12.43 -14.83 6.28
N SER A 262 -11.86 -15.91 6.79
CA SER A 262 -11.07 -15.86 8.01
C SER A 262 -9.82 -16.71 7.87
N ILE A 263 -8.80 -16.39 8.65
CA ILE A 263 -7.52 -17.07 8.61
C ILE A 263 -7.14 -17.61 9.99
N SER A 264 -6.29 -18.63 10.00
CA SER A 264 -5.84 -19.24 11.25
C SER A 264 -4.51 -18.67 11.70
N GLY A 265 -4.25 -18.74 13.01
CA GLY A 265 -2.97 -18.34 13.58
C GLY A 265 -2.66 -16.86 13.41
N SER A 266 -3.68 -16.02 13.49
CA SER A 266 -3.49 -14.58 13.35
C SER A 266 -4.17 -13.80 14.48
N ASP A 267 -3.42 -12.88 15.08
CA ASP A 267 -3.98 -12.00 16.11
C ASP A 267 -4.85 -10.90 15.51
N THR A 268 -4.63 -10.59 14.23
CA THR A 268 -5.32 -9.46 13.58
C THR A 268 -6.46 -9.88 12.66
N GLY A 269 -6.40 -11.11 12.16
CA GLY A 269 -7.22 -11.50 11.03
C GLY A 269 -6.63 -10.90 9.76
N PRO A 270 -7.36 -11.00 8.62
CA PRO A 270 -6.89 -10.45 7.35
C PRO A 270 -6.57 -8.96 7.50
N ILE A 271 -5.41 -8.54 6.98
CA ILE A 271 -4.92 -7.17 7.15
C ILE A 271 -4.22 -6.72 5.87
N ASP A 272 -4.27 -5.41 5.61
CA ASP A 272 -3.50 -4.78 4.54
C ASP A 272 -3.77 -5.38 3.15
N GLN A 273 -5.03 -5.36 2.75
CA GLN A 273 -5.38 -5.82 1.41
C GLN A 273 -4.76 -4.92 0.34
N THR A 274 -4.56 -5.50 -0.83
CA THR A 274 -4.44 -4.71 -2.05
C THR A 274 -5.23 -5.42 -3.13
N LEU A 275 -5.53 -4.69 -4.22
CA LEU A 275 -6.26 -5.24 -5.34
C LEU A 275 -5.50 -4.95 -6.62
N ILE A 276 -5.56 -5.87 -7.57
CA ILE A 276 -4.85 -5.72 -8.84
C ILE A 276 -5.47 -6.63 -9.88
N ALA A 277 -5.73 -6.09 -11.06
CA ALA A 277 -6.27 -6.88 -12.15
C ALA A 277 -5.26 -6.97 -13.28
N ASP A 278 -5.25 -8.10 -13.98
CA ASP A 278 -4.58 -8.14 -15.28
C ASP A 278 -5.66 -7.84 -16.32
N GLY A 279 -5.53 -8.41 -17.52
CA GLY A 279 -6.57 -8.19 -18.53
C GLY A 279 -7.81 -9.06 -18.34
N GLN A 280 -7.75 -10.01 -17.40
CA GLN A 280 -8.76 -11.08 -17.32
C GLN A 280 -9.42 -11.22 -15.94
N ASN A 281 -8.62 -11.16 -14.88
CA ASN A 281 -9.09 -11.43 -13.52
C ASN A 281 -8.69 -10.32 -12.57
N MET A 282 -9.54 -10.08 -11.57
CA MET A 282 -9.22 -9.16 -10.48
C MET A 282 -8.75 -9.99 -9.29
N TYR A 283 -7.61 -9.59 -8.73
CA TYR A 283 -7.00 -10.31 -7.61
C TYR A 283 -7.05 -9.49 -6.32
N LEU A 284 -7.22 -10.19 -5.21
CA LEU A 284 -7.09 -9.63 -3.88
C LEU A 284 -5.89 -10.31 -3.25
N PHE A 285 -4.95 -9.52 -2.73
CA PHE A 285 -3.85 -10.04 -1.94
C PHE A 285 -3.94 -9.45 -0.54
N PHE A 286 -3.61 -10.25 0.47
CA PHE A 286 -3.59 -9.74 1.84
C PHE A 286 -2.63 -10.50 2.75
N ALA A 287 -2.42 -9.95 3.94
CA ALA A 287 -1.52 -10.53 4.93
C ALA A 287 -2.29 -10.86 6.20
N GLY A 288 -1.58 -11.37 7.20
CA GLY A 288 -2.22 -11.72 8.47
C GLY A 288 -1.40 -11.50 9.71
N ASP A 289 -0.32 -10.69 9.61
CA ASP A 289 0.62 -10.52 10.72
C ASP A 289 1.13 -11.86 11.24
N ASN A 290 1.31 -12.82 10.33
CA ASN A 290 1.52 -14.20 10.76
C ASN A 290 2.45 -15.01 9.88
N GLY A 291 3.15 -14.34 8.97
CA GLY A 291 4.09 -15.01 8.09
C GLY A 291 3.50 -15.57 6.81
N LYS A 292 2.21 -15.33 6.59
CA LYS A 292 1.54 -15.81 5.38
C LYS A 292 1.03 -14.68 4.48
N ILE A 293 0.99 -14.96 3.18
CA ILE A 293 0.37 -14.08 2.20
C ILE A 293 -0.73 -14.87 1.50
N TYR A 294 -1.87 -14.21 1.31
CA TYR A 294 -3.06 -14.85 0.79
C TYR A 294 -3.55 -14.15 -0.47
N ARG A 295 -4.27 -14.90 -1.30
CA ARG A 295 -4.72 -14.39 -2.60
C ARG A 295 -6.12 -14.91 -2.89
N ALA A 296 -6.93 -14.06 -3.53
CA ALA A 296 -8.24 -14.48 -4.02
C ALA A 296 -8.45 -13.86 -5.38
N SER A 297 -9.38 -14.39 -6.18
CA SER A 297 -9.58 -13.87 -7.53
C SER A 297 -11.02 -14.01 -8.00
N MET A 298 -11.38 -13.16 -8.97
CA MET A 298 -12.69 -13.23 -9.62
C MET A 298 -12.52 -12.69 -11.04
N PRO A 299 -13.41 -13.12 -11.97
CA PRO A 299 -13.38 -12.48 -13.29
C PRO A 299 -13.60 -10.97 -13.15
N ILE A 300 -12.85 -10.18 -13.92
CA ILE A 300 -12.93 -8.72 -13.80
C ILE A 300 -14.36 -8.21 -14.06
N GLY A 301 -15.10 -8.91 -14.91
CA GLY A 301 -16.50 -8.56 -15.19
C GLY A 301 -17.39 -8.56 -13.95
N ASN A 302 -16.96 -9.25 -12.90
CA ASN A 302 -17.75 -9.36 -11.67
C ASN A 302 -17.36 -8.34 -10.59
N PHE A 303 -16.39 -7.48 -10.93
CA PHE A 303 -15.93 -6.43 -10.03
C PHE A 303 -16.50 -5.07 -10.48
N PRO A 304 -16.81 -4.17 -9.52
CA PRO A 304 -16.72 -4.30 -8.06
C PRO A 304 -17.65 -5.37 -7.53
N GLY A 305 -17.17 -6.13 -6.56
CA GLY A 305 -17.94 -7.19 -5.98
C GLY A 305 -17.25 -7.81 -4.80
N ASN A 306 -17.91 -8.80 -4.21
CA ASN A 306 -17.44 -9.49 -3.02
C ASN A 306 -16.66 -10.74 -3.43
N PHE A 307 -15.42 -10.87 -2.95
CA PHE A 307 -14.63 -12.08 -3.17
C PHE A 307 -15.14 -13.25 -2.36
N GLY A 308 -15.93 -12.97 -1.34
CA GLY A 308 -16.50 -14.03 -0.51
C GLY A 308 -15.51 -14.49 0.55
N SER A 309 -15.59 -15.77 0.89
CA SER A 309 -14.82 -16.32 2.01
C SER A 309 -13.56 -17.07 1.57
N SER A 310 -13.56 -17.56 0.34
CA SER A 310 -12.46 -18.40 -0.15
C SER A 310 -11.18 -17.63 -0.49
N TYR A 311 -10.04 -18.30 -0.31
CA TYR A 311 -8.73 -17.75 -0.64
C TYR A 311 -7.72 -18.89 -0.82
N THR A 312 -6.56 -18.53 -1.38
CA THR A 312 -5.44 -19.43 -1.52
C THR A 312 -4.31 -18.89 -0.62
N THR A 313 -3.63 -19.78 0.10
CA THR A 313 -2.42 -19.38 0.84
C THR A 313 -1.25 -19.53 -0.11
N ILE A 314 -0.65 -18.41 -0.50
CA ILE A 314 0.38 -18.44 -1.54
C ILE A 314 1.82 -18.39 -1.05
N MET A 315 2.03 -17.88 0.16
CA MET A 315 3.36 -17.81 0.75
C MET A 315 3.26 -18.12 2.24
N SER A 316 4.31 -18.75 2.78
CA SER A 316 4.35 -19.11 4.19
C SER A 316 5.79 -19.04 4.67
N ASP A 317 6.03 -18.20 5.67
CA ASP A 317 7.37 -18.02 6.22
C ASP A 317 7.20 -17.62 7.68
N THR A 318 8.27 -17.15 8.33
CA THR A 318 8.17 -16.67 9.69
C THR A 318 7.37 -15.37 9.72
N LYS A 319 6.78 -15.09 10.88
CA LYS A 319 6.04 -13.85 11.11
C LYS A 319 6.89 -12.62 10.74
N ALA A 320 8.17 -12.64 11.12
CA ALA A 320 9.07 -11.51 10.83
C ALA A 320 9.31 -11.33 9.32
N ASN A 321 9.38 -12.44 8.58
CA ASN A 321 9.69 -12.38 7.14
C ASN A 321 8.55 -11.92 6.24
N LEU A 322 7.32 -12.26 6.60
CA LEU A 322 6.16 -11.87 5.81
C LEU A 322 5.09 -11.36 6.75
N PHE A 323 5.22 -10.10 7.15
CA PHE A 323 4.41 -9.58 8.23
C PHE A 323 3.13 -8.90 7.75
N GLU A 324 3.26 -7.80 7.01
CA GLU A 324 2.08 -7.04 6.58
C GLU A 324 2.42 -6.12 5.40
N GLY A 325 1.54 -5.17 5.09
CA GLY A 325 1.82 -4.14 4.07
C GLY A 325 2.10 -4.64 2.67
N VAL A 326 1.43 -5.73 2.29
CA VAL A 326 1.68 -6.35 0.99
C VAL A 326 1.16 -5.45 -0.14
N GLN A 327 1.98 -5.29 -1.18
CA GLN A 327 1.53 -4.58 -2.37
C GLN A 327 1.95 -5.36 -3.61
N VAL A 328 1.16 -5.28 -4.67
CA VAL A 328 1.45 -5.97 -5.93
C VAL A 328 1.26 -5.00 -7.10
N TYR A 329 2.18 -5.05 -8.07
CA TYR A 329 2.20 -4.12 -9.19
C TYR A 329 2.54 -4.84 -10.49
N LYS A 330 2.08 -4.27 -11.60
CA LYS A 330 2.56 -4.67 -12.92
C LYS A 330 3.77 -3.81 -13.30
N VAL A 331 4.85 -4.48 -13.73
CA VAL A 331 6.04 -3.77 -14.20
C VAL A 331 5.81 -3.41 -15.67
N GLN A 332 5.68 -2.12 -15.93
CA GLN A 332 5.48 -1.63 -17.30
C GLN A 332 6.67 -2.02 -18.16
N GLY A 333 6.38 -2.56 -19.33
CA GLY A 333 7.41 -2.90 -20.32
C GLY A 333 8.10 -4.21 -20.05
N GLN A 334 7.61 -4.97 -19.08
CA GLN A 334 8.15 -6.30 -18.76
C GLN A 334 7.00 -7.27 -18.55
N ASN A 335 7.24 -8.54 -18.83
CA ASN A 335 6.24 -9.58 -18.57
C ASN A 335 6.40 -10.07 -17.15
N GLN A 336 6.13 -9.16 -16.20
CA GLN A 336 6.53 -9.35 -14.83
C GLN A 336 5.63 -8.57 -13.86
N TYR A 337 5.33 -9.19 -12.73
CA TYR A 337 4.67 -8.50 -11.63
C TYR A 337 5.62 -8.43 -10.44
N LEU A 338 5.45 -7.37 -9.65
CA LEU A 338 6.28 -7.13 -8.47
C LEU A 338 5.41 -7.15 -7.22
N MET A 339 5.80 -7.98 -6.26
CA MET A 339 5.18 -7.97 -4.93
C MET A 339 6.22 -7.47 -3.92
N ILE A 340 5.78 -6.56 -3.07
CA ILE A 340 6.58 -6.17 -1.91
C ILE A 340 5.82 -6.51 -0.63
N VAL A 341 6.55 -6.93 0.40
CA VAL A 341 5.93 -7.31 1.67
C VAL A 341 6.77 -6.71 2.78
N GLU A 342 6.10 -6.10 3.77
CA GLU A 342 6.83 -5.51 4.89
C GLU A 342 7.26 -6.60 5.87
N ALA A 343 8.52 -6.54 6.28
CA ALA A 343 9.12 -7.49 7.20
C ALA A 343 9.60 -6.74 8.43
N MET A 344 9.77 -7.47 9.53
CA MET A 344 10.33 -6.89 10.74
C MET A 344 11.79 -7.29 10.82
N GLY A 345 12.67 -6.34 10.59
CA GLY A 345 14.10 -6.59 10.63
C GLY A 345 14.71 -6.29 11.99
N ALA A 346 15.95 -6.71 12.17
CA ALA A 346 16.73 -6.39 13.36
C ALA A 346 16.85 -4.87 13.56
N ASN A 347 16.93 -4.13 12.46
CA ASN A 347 17.18 -2.68 12.52
C ASN A 347 15.95 -1.80 12.30
N GLY A 348 14.82 -2.44 11.99
CA GLY A 348 13.58 -1.74 11.73
C GLY A 348 12.76 -2.42 10.65
N ARG A 349 11.61 -1.83 10.35
CA ARG A 349 10.74 -2.32 9.29
C ARG A 349 11.44 -2.14 7.95
N TYR A 350 11.25 -3.11 7.06
CA TYR A 350 11.80 -3.02 5.70
C TYR A 350 10.94 -3.85 4.76
N PHE A 351 11.19 -3.73 3.46
CA PHE A 351 10.42 -4.46 2.44
C PHE A 351 11.26 -5.49 1.71
N ARG A 352 10.65 -6.67 1.53
CA ARG A 352 11.21 -7.76 0.73
C ARG A 352 10.42 -7.81 -0.57
N SER A 353 11.12 -7.96 -1.69
CA SER A 353 10.47 -8.01 -3.00
C SER A 353 10.51 -9.41 -3.64
N PHE A 354 9.47 -9.67 -4.45
CA PHE A 354 9.31 -10.95 -5.16
C PHE A 354 8.80 -10.64 -6.56
N THR A 355 9.12 -11.51 -7.53
CA THR A 355 8.56 -11.36 -8.88
C THR A 355 7.78 -12.59 -9.34
N ALA A 356 6.87 -12.37 -10.28
CA ALA A 356 6.10 -13.43 -10.93
C ALA A 356 5.85 -13.04 -12.39
N SER A 357 5.63 -14.03 -13.26
CA SER A 357 5.27 -13.75 -14.66
C SER A 357 3.76 -13.60 -14.82
N SER A 358 3.02 -14.04 -13.82
CA SER A 358 1.56 -14.02 -13.84
C SER A 358 1.02 -13.85 -12.43
N LEU A 359 -0.13 -13.20 -12.29
CA LEU A 359 -0.71 -12.94 -10.97
C LEU A 359 -1.20 -14.20 -10.24
N SER A 360 -1.43 -15.27 -10.99
CA SER A 360 -1.84 -16.54 -10.39
C SER A 360 -0.64 -17.49 -10.27
N GLY A 361 0.55 -16.99 -10.59
CA GLY A 361 1.76 -17.81 -10.60
C GLY A 361 2.56 -17.83 -9.30
N SER A 362 3.72 -18.48 -9.37
CA SER A 362 4.64 -18.56 -8.23
C SER A 362 5.48 -17.30 -8.11
N TRP A 363 5.81 -16.94 -6.87
CA TRP A 363 6.61 -15.75 -6.61
C TRP A 363 8.05 -16.12 -6.27
N THR A 364 8.99 -15.50 -6.97
CA THR A 364 10.42 -15.76 -6.75
C THR A 364 11.03 -14.60 -5.98
N PRO A 365 11.72 -14.89 -4.85
CA PRO A 365 12.36 -13.81 -4.07
C PRO A 365 13.30 -12.99 -4.96
N GLN A 366 13.28 -11.68 -4.79
CA GLN A 366 14.14 -10.80 -5.57
C GLN A 366 15.15 -10.13 -4.63
N ALA A 367 14.74 -9.04 -3.99
CA ALA A 367 15.56 -8.41 -2.95
C ALA A 367 14.86 -8.69 -1.63
N ALA A 368 15.21 -9.82 -1.01
CA ALA A 368 14.37 -10.39 0.05
C ALA A 368 15.09 -10.71 1.36
N SER A 369 16.07 -9.89 1.73
CA SER A 369 16.72 -10.00 3.03
C SER A 369 16.97 -8.59 3.56
N GLU A 370 17.17 -8.46 4.87
CA GLU A 370 17.39 -7.14 5.48
C GLU A 370 18.64 -6.44 4.91
N GLY A 371 19.66 -7.22 4.58
CA GLY A 371 20.90 -6.67 4.02
C GLY A 371 20.83 -6.32 2.56
N ASN A 372 19.91 -6.96 1.85
CA ASN A 372 19.64 -6.65 0.44
C ASN A 372 18.13 -6.53 0.24
N PRO A 373 17.52 -5.45 0.75
CA PRO A 373 16.08 -5.34 0.75
C PRO A 373 15.57 -4.62 -0.50
N PHE A 374 14.27 -4.72 -0.76
CA PHE A 374 13.64 -3.83 -1.73
C PHE A 374 13.86 -2.39 -1.27
N ALA A 375 13.51 -2.12 -0.01
CA ALA A 375 13.70 -0.81 0.61
C ALA A 375 13.78 -0.99 2.12
N GLY A 376 14.82 -0.41 2.71
CA GLY A 376 15.02 -0.51 4.17
C GLY A 376 16.16 0.39 4.58
N LYS A 377 16.53 0.36 5.86
CA LYS A 377 17.64 1.15 6.37
C LYS A 377 18.91 0.97 5.54
N ALA A 378 19.13 -0.25 5.02
CA ALA A 378 20.33 -0.57 4.26
C ALA A 378 20.52 0.25 2.98
N ASN A 379 19.42 0.69 2.36
CA ASN A 379 19.51 1.29 1.02
C ASN A 379 18.57 2.47 0.74
N SER A 380 17.88 2.96 1.76
CA SER A 380 16.86 3.99 1.57
C SER A 380 17.44 5.38 1.34
N GLY A 381 18.63 5.61 1.91
CA GLY A 381 19.24 6.94 1.89
C GLY A 381 18.54 7.92 2.84
N ALA A 382 17.63 7.40 3.68
CA ALA A 382 16.91 8.23 4.63
C ALA A 382 17.68 8.35 5.94
N THR A 383 17.77 9.55 6.48
CA THR A 383 18.42 9.72 7.78
C THR A 383 17.42 9.90 8.91
N TRP A 384 16.19 10.28 8.57
CA TRP A 384 15.21 10.62 9.60
C TRP A 384 14.48 9.43 10.19
N THR A 385 14.61 8.27 9.55
CA THR A 385 13.91 7.05 9.95
C THR A 385 14.79 5.83 9.68
N ASN A 386 14.75 4.86 10.59
CA ASN A 386 15.40 3.57 10.37
C ASN A 386 14.39 2.53 9.89
N ASP A 387 13.13 2.96 9.77
CA ASP A 387 12.04 2.10 9.31
C ASP A 387 11.56 2.57 7.95
N ILE A 388 11.41 1.63 7.03
CA ILE A 388 10.66 1.87 5.79
C ILE A 388 9.44 0.95 5.87
N SER A 389 8.26 1.55 5.96
CA SER A 389 7.06 0.83 6.35
C SER A 389 5.85 1.18 5.48
N HIS A 390 4.77 0.42 5.67
CA HIS A 390 3.54 0.42 4.84
C HIS A 390 3.27 1.68 3.98
N GLY A 391 3.38 1.52 2.67
CA GLY A 391 3.04 2.59 1.75
C GLY A 391 2.65 2.07 0.38
N ASP A 392 3.04 2.80 -0.66
CA ASP A 392 2.62 2.51 -2.03
C ASP A 392 3.68 3.04 -2.98
N LEU A 393 4.08 2.22 -3.94
CA LEU A 393 4.82 2.74 -5.08
C LEU A 393 3.95 3.78 -5.79
N VAL A 394 4.60 4.78 -6.37
CA VAL A 394 3.88 5.88 -7.01
C VAL A 394 3.34 5.41 -8.36
N ARG A 395 2.02 5.43 -8.49
CA ARG A 395 1.36 4.93 -9.68
C ARG A 395 0.87 6.11 -10.52
N ASP A 396 1.50 6.30 -11.68
CA ASP A 396 1.15 7.39 -12.57
C ASP A 396 -0.18 7.12 -13.27
N ASN A 397 -0.35 5.88 -13.72
CA ASN A 397 -1.63 5.41 -14.24
C ASN A 397 -2.45 4.95 -13.03
N PRO A 398 -3.59 5.62 -12.76
CA PRO A 398 -4.38 5.30 -11.56
C PRO A 398 -5.22 4.02 -11.66
N ASP A 399 -5.15 3.32 -12.79
CA ASP A 399 -6.13 2.23 -13.01
C ASP A 399 -5.87 0.94 -12.24
N GLN A 400 -6.77 -0.03 -12.41
CA GLN A 400 -6.79 -1.28 -11.64
C GLN A 400 -5.63 -2.24 -11.90
N THR A 401 -4.84 -1.98 -12.93
CA THR A 401 -3.67 -2.83 -13.22
C THR A 401 -2.47 -2.54 -12.31
N MET A 402 -2.55 -1.46 -11.54
CA MET A 402 -1.48 -1.11 -10.59
C MET A 402 -0.11 -1.11 -11.28
N THR A 403 -0.04 -0.49 -12.46
CA THR A 403 1.18 -0.48 -13.24
C THR A 403 2.16 0.55 -12.70
N VAL A 404 3.43 0.15 -12.57
CA VAL A 404 4.50 1.09 -12.22
C VAL A 404 5.55 1.11 -13.32
N ASP A 405 6.18 2.27 -13.47
CA ASP A 405 7.21 2.47 -14.50
C ASP A 405 8.59 2.24 -13.88
N PRO A 406 9.26 1.15 -14.26
CA PRO A 406 10.56 0.83 -13.67
C PRO A 406 11.66 1.84 -14.04
N CYS A 407 11.40 2.69 -15.03
CA CYS A 407 12.32 3.77 -15.41
C CYS A 407 12.30 4.94 -14.42
N ASN A 408 11.20 5.08 -13.69
CA ASN A 408 11.02 6.21 -12.77
C ASN A 408 10.33 5.77 -11.48
N LEU A 409 10.90 4.75 -10.84
CA LEU A 409 10.29 4.14 -9.66
C LEU A 409 10.45 5.04 -8.43
N GLN A 410 9.34 5.26 -7.73
CA GLN A 410 9.32 5.99 -6.48
C GLN A 410 8.39 5.31 -5.47
N PHE A 411 8.70 5.47 -4.19
CA PHE A 411 8.00 4.76 -3.12
C PHE A 411 7.58 5.75 -2.05
N LEU A 412 6.26 5.94 -1.89
CA LEU A 412 5.69 6.70 -0.79
C LEU A 412 5.51 5.76 0.40
N TYR A 413 6.27 6.01 1.48
CA TYR A 413 6.34 5.11 2.62
C TYR A 413 6.03 5.84 3.93
N GLN A 414 5.74 5.09 4.97
CA GLN A 414 5.69 5.66 6.31
C GLN A 414 6.99 5.34 7.05
N GLY A 415 7.49 6.33 7.79
CA GLY A 415 8.68 6.16 8.60
C GLY A 415 8.47 6.85 9.93
N LYS A 416 9.42 6.70 10.85
CA LYS A 416 9.31 7.32 12.17
C LYS A 416 10.68 7.64 12.74
N SER A 417 10.74 8.61 13.65
CA SER A 417 11.98 8.91 14.35
C SER A 417 12.48 7.67 15.08
N PRO A 418 13.79 7.38 14.96
CA PRO A 418 14.37 6.26 15.72
C PRO A 418 14.22 6.45 17.24
N ASN A 419 14.00 7.70 17.67
CA ASN A 419 13.86 8.01 19.10
C ASN A 419 12.47 7.78 19.67
N ALA A 420 11.47 7.60 18.81
CA ALA A 420 10.09 7.51 19.26
C ALA A 420 9.79 6.14 19.87
N GLY A 421 9.26 6.15 21.09
CA GLY A 421 8.88 4.92 21.77
C GLY A 421 7.42 4.96 22.20
N GLY A 422 7.05 4.08 23.13
CA GLY A 422 5.67 4.00 23.59
C GLY A 422 4.87 2.97 22.84
N ASP A 423 3.58 2.90 23.11
CA ASP A 423 2.72 1.90 22.49
C ASP A 423 2.71 2.08 20.97
N TYR A 424 2.69 0.96 20.25
CA TYR A 424 2.70 0.99 18.78
C TYR A 424 1.66 1.96 18.19
N ASN A 425 0.45 1.95 18.75
CA ASN A 425 -0.65 2.73 18.20
C ASN A 425 -0.48 4.24 18.29
N SER A 426 0.46 4.68 19.14
CA SER A 426 0.74 6.11 19.30
C SER A 426 2.00 6.58 18.57
N LEU A 427 2.68 5.67 17.86
CA LEU A 427 3.95 6.01 17.21
C LEU A 427 3.77 7.10 16.15
N PRO A 428 4.74 8.04 16.05
CA PRO A 428 4.60 9.19 15.16
C PRO A 428 5.05 8.89 13.73
N TRP A 429 4.25 8.09 13.02
CA TRP A 429 4.52 7.78 11.62
C TRP A 429 4.32 9.01 10.72
N ARG A 430 5.19 9.14 9.72
CA ARG A 430 5.18 10.29 8.81
C ARG A 430 5.43 9.81 7.37
N PRO A 431 4.95 10.58 6.37
CA PRO A 431 5.24 10.24 4.97
C PRO A 431 6.64 10.65 4.50
N GLY A 432 7.27 9.79 3.71
CA GLY A 432 8.50 10.11 2.98
C GLY A 432 8.40 9.52 1.59
N VAL A 433 9.26 9.97 0.68
CA VAL A 433 9.30 9.38 -0.68
C VAL A 433 10.72 8.96 -1.03
N LEU A 434 10.87 7.69 -1.45
CA LEU A 434 12.12 7.21 -2.02
C LEU A 434 12.10 7.32 -3.54
N THR A 435 13.24 7.70 -4.12
CA THR A 435 13.40 7.74 -5.58
C THR A 435 14.53 6.78 -5.96
N LEU A 436 14.26 5.87 -6.89
CA LEU A 436 15.26 4.89 -7.30
C LEU A 436 16.41 5.57 -8.04
N ARG A 437 17.63 5.29 -7.63
CA ARG A 437 18.82 5.89 -8.26
C ARG A 437 19.20 5.12 -9.53
N ARG A 438 19.56 5.89 -10.56
CA ARG A 438 19.97 5.35 -11.88
C ARG A 438 21.14 4.37 -11.76
#